data_5TZN
#
_entry.id   5TZN
#
_cell.length_a   165.276
_cell.length_b   61.912
_cell.length_c   66.159
_cell.angle_alpha   90.00
_cell.angle_beta   101.92
_cell.angle_gamma   90.00
#
_symmetry.space_group_name_H-M   'C 1 2 1'
#
loop_
_entity.id
_entity.type
_entity.pdbx_description
1 polymer 'Killer cell lectin-like receptor subfamily B member 1B allele B'
2 polymer 'Glycoprotein family protein m12'
3 branched 2-acetamido-2-deoxy-beta-D-glucopyranose-(1-4)-2-acetamido-2-deoxy-beta-D-glucopyranose
4 branched alpha-L-fucopyranose-(1-6)-2-acetamido-2-deoxy-beta-D-glucopyranose
5 branched 2-acetamido-2-deoxy-beta-D-glucopyranose-(1-4)-[alpha-L-fucopyranose-(1-6)]2-acetamido-2-deoxy-beta-D-glucopyranose
6 branched beta-D-mannopyranose-(1-6)-beta-D-mannopyranose-(1-3)-2-acetamido-2-deoxy-beta-D-glucopyranose-(1-4)-2-acetamido-2-deoxy-beta-D-glucopyranose
7 non-polymer 'IODIDE ION'
8 water water
#
loop_
_entity_poly.entity_id
_entity_poly.type
_entity_poly.pdbx_seq_one_letter_code
_entity_poly.pdbx_strand_id
1 'polypeptide(L)'
;TGSAKLECPQDWLSHRDKCFHVSQVSNTWKEGRIDCDKKGATLLLIQDQEELRFLLDSIKEKYNSFWIGLSYTLTDMNWK
WINGTAFNSDVLKITGVTENGSCAAISGEKVTSEGCSSDNRWICQKELNGTHHHHHH
;
A,W
2 'polypeptide(L)'
;LETNVLAAPKNTSCVKKFTVSERRPPPEPGKCMSLLGSTLVNKQAANKQVDKPVTILKIFRCPVEEYLCMNATWSGRLFV
RTQDNREIIFGNISFTSTDSSPTTLTGISTLKPWPLSSDLWIHSGTGDIYMFSNASFSDPKCYITLCVLRKNAHIPVQRA
NFAFGVTDENLVTPTSTRTVDNTSHHHHHH
;
F,G
#
loop_
_chem_comp.id
_chem_comp.type
_chem_comp.name
_chem_comp.formula
BMA D-saccharide, beta linking beta-D-mannopyranose 'C6 H12 O6'
FUC L-saccharide, alpha linking alpha-L-fucopyranose 'C6 H12 O5'
IOD non-polymer 'IODIDE ION' 'I -1'
NAG D-saccharide, beta linking 2-acetamido-2-deoxy-beta-D-glucopyranose 'C8 H15 N O6'
#
# COMPACT_ATOMS: atom_id res chain seq x y z
N LYS A 5 26.47 21.30 -39.89
CA LYS A 5 25.70 21.96 -38.86
C LYS A 5 24.33 22.42 -39.41
N LEU A 6 23.26 21.91 -38.78
CA LEU A 6 21.86 22.17 -39.16
C LEU A 6 21.29 23.38 -38.39
N GLU A 7 20.59 24.29 -39.10
CA GLU A 7 19.96 25.46 -38.49
C GLU A 7 18.76 25.00 -37.67
N CYS A 8 18.80 25.32 -36.38
CA CYS A 8 17.85 25.00 -35.31
C CYS A 8 16.70 26.04 -35.29
N PRO A 9 15.43 25.66 -35.00
CA PRO A 9 14.32 26.65 -35.01
C PRO A 9 14.44 27.77 -33.96
N GLN A 10 13.61 28.82 -34.14
CA GLN A 10 13.51 30.03 -33.29
C GLN A 10 13.00 29.66 -31.89
N ASP A 11 13.70 30.15 -30.84
CA ASP A 11 13.44 29.95 -29.41
C ASP A 11 13.60 28.46 -28.99
N TRP A 12 14.38 27.67 -29.77
CA TRP A 12 14.70 26.25 -29.49
C TRP A 12 16.15 26.12 -29.03
N LEU A 13 16.40 25.33 -27.96
CA LEU A 13 17.72 25.07 -27.42
C LEU A 13 18.51 24.12 -28.33
N SER A 14 19.84 24.30 -28.44
CA SER A 14 20.67 23.43 -29.28
C SER A 14 21.78 22.76 -28.48
N HIS A 15 21.92 21.43 -28.65
CA HIS A 15 22.95 20.63 -27.99
C HIS A 15 23.22 19.40 -28.83
N ARG A 16 24.48 19.25 -29.27
CA ARG A 16 25.00 18.15 -30.11
C ARG A 16 24.13 17.98 -31.38
N ASP A 17 23.56 16.77 -31.61
CA ASP A 17 22.73 16.48 -32.78
C ASP A 17 21.22 16.65 -32.49
N LYS A 18 20.85 17.62 -31.64
CA LYS A 18 19.44 17.83 -31.25
C LYS A 18 19.03 19.30 -31.02
N CYS A 19 17.71 19.56 -31.22
CA CYS A 19 17.00 20.82 -30.97
C CYS A 19 15.95 20.57 -29.87
N PHE A 20 15.89 21.40 -28.82
CA PHE A 20 14.96 21.18 -27.70
C PHE A 20 14.00 22.31 -27.46
N HIS A 21 12.75 21.94 -27.14
CA HIS A 21 11.67 22.86 -26.82
C HIS A 21 11.03 22.42 -25.53
N VAL A 22 11.08 23.30 -24.53
CA VAL A 22 10.49 23.08 -23.21
C VAL A 22 9.14 23.77 -23.21
N SER A 23 8.07 23.05 -22.88
CA SER A 23 6.75 23.65 -22.86
C SER A 23 6.52 24.38 -21.54
N GLN A 24 5.69 25.43 -21.58
CA GLN A 24 5.28 26.20 -20.41
C GLN A 24 3.87 25.74 -19.98
N VAL A 25 3.18 25.03 -20.91
CA VAL A 25 1.85 24.47 -20.85
C VAL A 25 1.92 23.07 -20.20
N SER A 26 0.94 22.74 -19.32
CA SER A 26 0.83 21.43 -18.66
C SER A 26 -0.31 20.63 -19.26
N ASN A 27 -0.08 19.33 -19.47
CA ASN A 27 -1.10 18.40 -19.98
C ASN A 27 -0.67 16.95 -19.75
N THR A 28 -1.54 16.00 -20.16
CA THR A 28 -1.31 14.56 -20.10
C THR A 28 -0.18 14.17 -21.04
N TRP A 29 0.41 12.98 -20.82
CA TRP A 29 1.48 12.44 -21.63
C TRP A 29 1.06 12.32 -23.11
N LYS A 30 -0.18 11.84 -23.39
CA LYS A 30 -0.69 11.68 -24.76
C LYS A 30 -0.87 13.03 -25.46
N GLU A 31 -1.38 14.06 -24.74
CA GLU A 31 -1.55 15.41 -25.28
C GLU A 31 -0.21 16.07 -25.53
N GLY A 32 0.78 15.73 -24.69
CA GLY A 32 2.15 16.21 -24.83
C GLY A 32 2.79 15.62 -26.06
N ARG A 33 2.54 14.31 -26.31
CA ARG A 33 3.01 13.57 -27.49
C ARG A 33 2.44 14.18 -28.77
N ILE A 34 1.11 14.46 -28.80
CA ILE A 34 0.40 15.07 -29.94
C ILE A 34 1.04 16.44 -30.26
N ASP A 35 1.26 17.28 -29.23
CA ASP A 35 1.85 18.62 -29.37
C ASP A 35 3.24 18.59 -30.03
N CYS A 36 4.12 17.64 -29.63
CA CYS A 36 5.44 17.50 -30.24
C CYS A 36 5.30 17.11 -31.73
N ASP A 37 4.32 16.24 -32.08
CA ASP A 37 4.05 15.80 -33.46
C ASP A 37 3.59 16.98 -34.34
N LYS A 38 2.74 17.88 -33.80
CA LYS A 38 2.23 19.08 -34.50
C LYS A 38 3.36 20.05 -34.82
N LYS A 39 4.45 20.01 -34.02
CA LYS A 39 5.67 20.82 -34.15
C LYS A 39 6.75 20.12 -35.02
N GLY A 40 6.43 18.93 -35.56
CA GLY A 40 7.33 18.13 -36.39
C GLY A 40 8.50 17.56 -35.60
N ALA A 41 8.28 17.33 -34.30
CA ALA A 41 9.24 16.82 -33.34
C ALA A 41 8.66 15.61 -32.63
N THR A 42 9.39 15.08 -31.65
CA THR A 42 8.97 13.94 -30.82
C THR A 42 9.31 14.27 -29.37
N LEU A 43 8.68 13.59 -28.39
CA LEU A 43 9.01 13.78 -26.98
C LEU A 43 10.50 13.44 -26.75
N LEU A 44 11.10 13.97 -25.68
CA LEU A 44 12.52 13.79 -25.38
C LEU A 44 12.98 12.32 -25.29
N LEU A 45 14.04 12.00 -26.05
CA LEU A 45 14.74 10.72 -26.06
C LEU A 45 16.14 10.99 -25.52
N ILE A 46 16.37 10.75 -24.21
CA ILE A 46 17.65 11.03 -23.53
C ILE A 46 18.75 10.10 -24.06
N GLN A 47 19.80 10.69 -24.68
CA GLN A 47 20.93 9.92 -25.23
C GLN A 47 21.83 9.44 -24.12
N ASP A 48 22.23 10.34 -23.21
CA ASP A 48 23.12 10.06 -22.08
C ASP A 48 22.91 11.09 -20.95
N GLN A 49 23.70 10.97 -19.86
CA GLN A 49 23.66 11.86 -18.70
C GLN A 49 24.12 13.29 -19.05
N GLU A 50 25.02 13.46 -20.05
CA GLU A 50 25.51 14.77 -20.52
C GLU A 50 24.37 15.61 -21.13
N GLU A 51 23.48 14.96 -21.90
CA GLU A 51 22.31 15.58 -22.50
C GLU A 51 21.32 15.99 -21.41
N LEU A 52 21.15 15.11 -20.42
CA LEU A 52 20.27 15.30 -19.27
C LEU A 52 20.72 16.54 -18.48
N ARG A 53 22.00 16.58 -18.05
CA ARG A 53 22.57 17.68 -17.28
C ARG A 53 22.56 19.02 -18.04
N PHE A 54 22.58 18.98 -19.40
CA PHE A 54 22.51 20.21 -20.20
C PHE A 54 21.17 20.88 -19.98
N LEU A 55 20.09 20.06 -20.07
CA LEU A 55 18.71 20.48 -19.91
C LEU A 55 18.46 20.98 -18.50
N LEU A 56 18.91 20.24 -17.47
CA LEU A 56 18.76 20.61 -16.05
C LEU A 56 19.35 21.99 -15.77
N ASP A 57 20.59 22.25 -16.25
CA ASP A 57 21.32 23.50 -16.09
C ASP A 57 20.71 24.68 -16.87
N SER A 58 19.81 24.41 -17.85
CA SER A 58 19.20 25.46 -18.67
C SER A 58 17.65 25.42 -18.63
N ILE A 59 17.07 24.90 -17.53
CA ILE A 59 15.61 24.78 -17.36
C ILE A 59 15.18 25.35 -16.00
N GLU A 61 13.13 26.74 -12.61
CA GLU A 61 11.96 26.03 -13.13
C GLU A 61 12.20 24.50 -13.17
N LYS A 62 13.46 24.06 -12.91
CA LYS A 62 13.95 22.67 -12.93
C LYS A 62 13.27 21.72 -11.92
N TYR A 63 12.69 22.25 -10.82
CA TYR A 63 12.02 21.48 -9.77
C TYR A 63 10.76 20.75 -10.26
N ASN A 64 10.09 21.27 -11.30
CA ASN A 64 8.89 20.66 -11.88
C ASN A 64 9.21 19.41 -12.72
N SER A 65 8.18 18.60 -13.02
CA SER A 65 8.29 17.37 -13.81
C SER A 65 8.02 17.65 -15.27
N PHE A 66 8.79 17.00 -16.16
CA PHE A 66 8.68 17.16 -17.61
C PHE A 66 8.55 15.81 -18.28
N TRP A 67 7.41 15.57 -18.98
CA TRP A 67 7.17 14.34 -19.75
C TRP A 67 8.29 14.10 -20.77
N ILE A 68 8.74 12.84 -20.85
CA ILE A 68 9.77 12.42 -21.81
C ILE A 68 9.20 11.25 -22.62
N GLY A 69 9.79 11.01 -23.80
CA GLY A 69 9.38 9.97 -24.74
C GLY A 69 9.70 8.57 -24.30
N LEU A 70 9.18 8.18 -23.12
CA LEU A 70 9.38 6.87 -22.50
C LEU A 70 8.13 6.54 -21.69
N SER A 71 7.56 5.35 -21.98
CA SER A 71 6.34 4.89 -21.34
C SER A 71 6.29 3.35 -21.31
N TYR A 72 5.41 2.80 -20.48
CA TYR A 72 5.17 1.37 -20.38
C TYR A 72 4.08 1.02 -21.40
N THR A 73 4.50 0.49 -22.55
CA THR A 73 3.65 0.18 -23.70
C THR A 73 2.93 -1.14 -23.44
N LEU A 74 1.60 -1.12 -23.55
CA LEU A 74 0.77 -2.28 -23.26
C LEU A 74 0.87 -3.39 -24.31
N THR A 75 1.28 -3.08 -25.57
CA THR A 75 1.44 -4.07 -26.64
C THR A 75 2.69 -4.94 -26.36
N ASP A 76 3.80 -4.29 -25.95
CA ASP A 76 5.08 -4.94 -25.65
C ASP A 76 5.15 -5.46 -24.21
N MET A 77 4.39 -4.84 -23.30
CA MET A 77 4.40 -5.15 -21.85
C MET A 77 5.82 -4.92 -21.33
N ASN A 78 6.38 -3.74 -21.63
CA ASN A 78 7.75 -3.35 -21.27
C ASN A 78 7.94 -1.83 -21.45
N TRP A 79 8.90 -1.25 -20.69
CA TRP A 79 9.25 0.18 -20.80
C TRP A 79 9.97 0.39 -22.13
N LYS A 80 9.43 1.28 -22.95
CA LYS A 80 9.99 1.55 -24.27
C LYS A 80 10.02 3.03 -24.59
N TRP A 81 11.08 3.46 -25.29
CA TRP A 81 11.20 4.82 -25.82
C TRP A 81 10.23 4.92 -27.00
N ILE A 82 9.71 6.14 -27.29
CA ILE A 82 8.73 6.35 -28.37
C ILE A 82 9.37 6.05 -29.77
N ASN A 83 10.71 5.81 -29.82
CA ASN A 83 11.47 5.49 -31.03
C ASN A 83 11.51 3.96 -31.29
N GLY A 84 10.87 3.20 -30.40
CA GLY A 84 10.79 1.75 -30.46
C GLY A 84 11.88 0.98 -29.74
N THR A 85 12.88 1.69 -29.18
CA THR A 85 14.00 1.05 -28.47
C THR A 85 13.56 0.77 -27.03
N ALA A 86 13.79 -0.47 -26.58
CA ALA A 86 13.48 -0.87 -25.22
C ALA A 86 14.39 -0.15 -24.24
N PHE A 87 13.88 0.14 -23.03
CA PHE A 87 14.60 0.84 -21.96
C PHE A 87 15.56 -0.11 -21.19
N ASN A 88 16.81 0.37 -20.90
CA ASN A 88 17.85 -0.36 -20.14
C ASN A 88 18.60 0.56 -19.13
N SER A 89 19.30 -0.06 -18.16
CA SER A 89 20.03 0.68 -17.11
C SER A 89 21.55 0.61 -17.29
N LEU A 92 20.93 5.04 -17.14
CA LEU A 92 19.70 5.66 -16.63
C LEU A 92 18.79 4.66 -15.94
N LYS A 93 18.28 5.04 -14.76
CA LYS A 93 17.37 4.22 -13.97
C LYS A 93 16.07 4.98 -13.67
N ILE A 94 14.92 4.28 -13.75
CA ILE A 94 13.61 4.86 -13.42
C ILE A 94 13.46 4.68 -11.90
N THR A 95 13.25 5.79 -11.17
CA THR A 95 13.13 5.70 -9.71
C THR A 95 11.66 5.54 -9.34
N GLY A 96 11.45 4.85 -8.21
CA GLY A 96 10.14 4.56 -7.64
C GLY A 96 10.18 3.29 -6.83
N VAL A 97 9.63 3.34 -5.61
CA VAL A 97 9.58 2.20 -4.68
C VAL A 97 8.48 1.23 -5.17
N THR A 98 7.38 1.79 -5.72
CA THR A 98 6.22 1.06 -6.26
C THR A 98 5.95 1.41 -7.72
N GLU A 99 5.13 0.58 -8.39
CA GLU A 99 4.60 0.80 -9.74
C GLU A 99 3.43 1.74 -9.56
N ASN A 100 3.61 3.00 -9.93
CA ASN A 100 2.60 4.05 -9.69
C ASN A 100 2.20 4.81 -10.96
N GLY A 101 2.56 4.26 -12.12
CA GLY A 101 2.26 4.86 -13.40
C GLY A 101 3.03 4.25 -14.54
N SER A 102 2.51 4.41 -15.75
CA SER A 102 3.06 3.87 -17.00
C SER A 102 3.80 4.91 -17.85
N CYS A 103 3.88 6.19 -17.40
CA CYS A 103 4.55 7.24 -18.18
C CYS A 103 5.76 7.83 -17.42
N ALA A 104 6.88 8.07 -18.12
CA ALA A 104 8.10 8.62 -17.52
C ALA A 104 8.25 10.14 -17.72
N ALA A 105 8.89 10.79 -16.72
CA ALA A 105 9.17 12.23 -16.65
C ALA A 105 10.47 12.50 -15.87
N ILE A 106 11.21 13.56 -16.26
CA ILE A 106 12.40 13.96 -15.52
C ILE A 106 11.91 14.81 -14.37
N SER A 107 12.11 14.31 -13.15
CA SER A 107 11.73 14.97 -11.90
C SER A 107 12.99 15.48 -11.22
N GLY A 108 13.20 16.78 -11.33
CA GLY A 108 14.39 17.42 -10.79
C GLY A 108 15.61 16.98 -11.57
N GLU A 109 16.26 15.89 -11.10
CA GLU A 109 17.44 15.28 -11.73
C GLU A 109 17.18 13.81 -12.05
N LYS A 110 16.26 13.17 -11.30
CA LYS A 110 15.90 11.76 -11.44
C LYS A 110 14.81 11.56 -12.52
N VAL A 111 14.69 10.32 -13.03
CA VAL A 111 13.67 9.89 -14.00
C VAL A 111 12.61 9.15 -13.20
N THR A 112 11.39 9.66 -13.15
CA THR A 112 10.33 8.99 -12.36
C THR A 112 9.15 8.53 -13.18
N SER A 113 8.55 7.42 -12.75
CA SER A 113 7.31 6.95 -13.35
C SER A 113 6.17 7.73 -12.69
N GLU A 114 5.17 8.10 -13.46
CA GLU A 114 4.01 8.87 -13.03
C GLU A 114 2.80 8.41 -13.81
N GLY A 115 1.60 8.72 -13.34
CA GLY A 115 0.37 8.42 -14.03
C GLY A 115 0.26 9.20 -15.31
N CYS A 116 -0.04 8.53 -16.43
CA CYS A 116 -0.17 9.11 -17.77
C CYS A 116 -1.24 10.19 -17.83
N SER A 117 -2.31 10.06 -17.04
CA SER A 117 -3.43 11.02 -16.98
C SER A 117 -3.07 12.29 -16.18
N SER A 118 -1.87 12.33 -15.54
CA SER A 118 -1.40 13.50 -14.77
C SER A 118 -1.05 14.64 -15.71
N ASP A 119 -0.95 15.87 -15.17
CA ASP A 119 -0.62 17.04 -15.97
C ASP A 119 0.79 17.55 -15.65
N ASN A 120 1.64 17.55 -16.67
CA ASN A 120 3.02 17.99 -16.62
C ASN A 120 3.39 18.73 -17.87
N ARG A 121 4.50 19.47 -17.80
CA ARG A 121 5.13 20.13 -18.95
C ARG A 121 5.89 19.04 -19.68
N TRP A 122 6.46 19.33 -20.82
CA TRP A 122 7.20 18.32 -21.60
C TRP A 122 8.32 18.95 -22.39
N ILE A 123 9.28 18.12 -22.81
CA ILE A 123 10.39 18.54 -23.64
C ILE A 123 10.27 17.83 -24.99
N CYS A 124 10.13 18.62 -26.07
CA CYS A 124 10.11 18.11 -27.45
C CYS A 124 11.55 18.06 -27.96
N GLN A 125 11.83 17.25 -28.98
CA GLN A 125 13.17 17.18 -29.58
C GLN A 125 13.10 16.96 -31.09
N LYS A 126 14.03 17.60 -31.81
CA LYS A 126 14.23 17.46 -33.26
C LYS A 126 15.65 16.95 -33.45
N GLU A 127 15.80 15.70 -33.90
CA GLU A 127 17.11 15.08 -34.06
C GLU A 127 17.48 14.84 -35.52
N LEU A 128 18.79 14.93 -35.82
CA LEU A 128 19.40 14.70 -37.14
C LEU A 128 19.30 13.21 -37.54
N ASN A 129 19.06 12.93 -38.83
CA ASN A 129 18.96 11.56 -39.34
C ASN A 129 19.49 11.45 -40.77
N GLY A 130 20.49 12.27 -41.13
CA GLY A 130 21.11 12.26 -42.44
C GLY A 130 20.95 13.53 -43.26
N THR A 131 21.11 13.41 -44.60
CA THR A 131 20.97 14.50 -45.57
C THR A 131 19.89 14.17 -46.59
N SER B 13 -27.66 7.68 -8.21
CA SER B 13 -27.10 7.14 -9.44
C SER B 13 -25.56 7.25 -9.48
N CYS B 14 -24.93 6.19 -10.03
CA CYS B 14 -23.48 6.04 -10.12
C CYS B 14 -23.10 5.14 -11.33
N VAL B 15 -22.47 5.75 -12.36
CA VAL B 15 -22.01 5.04 -13.56
C VAL B 15 -20.51 4.77 -13.44
N LYS B 16 -20.14 3.48 -13.32
CA LYS B 16 -18.74 2.98 -13.17
C LYS B 16 -17.82 3.49 -14.27
N LYS B 17 -16.74 4.16 -13.85
CA LYS B 17 -15.73 4.72 -14.73
C LYS B 17 -14.34 4.59 -14.08
N PHE B 18 -13.26 4.62 -14.90
CA PHE B 18 -11.88 4.57 -14.46
C PHE B 18 -11.00 5.26 -15.48
N THR B 19 -10.73 6.56 -15.24
CA THR B 19 -10.00 7.46 -16.12
C THR B 19 -8.75 8.03 -15.46
N VAL B 20 -8.62 7.85 -14.13
CA VAL B 20 -7.46 8.32 -13.36
C VAL B 20 -6.19 7.47 -13.69
N SER B 21 -6.39 6.38 -14.41
CA SER B 21 -5.37 5.50 -14.96
C SER B 21 -5.81 5.17 -16.37
N GLU B 22 -4.90 5.25 -17.34
CA GLU B 22 -5.24 4.96 -18.73
C GLU B 22 -4.64 3.60 -19.19
N ARG B 23 -3.54 3.14 -18.55
CA ARG B 23 -2.85 1.90 -18.93
C ARG B 23 -2.92 0.80 -17.86
N ARG B 24 -3.66 1.02 -16.78
CA ARG B 24 -3.79 0.00 -15.73
C ARG B 24 -5.25 -0.16 -15.34
N PRO B 25 -5.69 -1.42 -15.05
CA PRO B 25 -7.09 -1.62 -14.66
C PRO B 25 -7.30 -1.27 -13.18
N PRO B 26 -8.56 -1.06 -12.69
CA PRO B 26 -8.71 -0.81 -11.24
C PRO B 26 -8.47 -2.10 -10.46
N PRO B 27 -8.07 -2.06 -9.18
CA PRO B 27 -7.86 -3.33 -8.46
C PRO B 27 -9.12 -4.15 -8.30
N GLU B 28 -8.93 -5.44 -8.23
CA GLU B 28 -10.01 -6.40 -8.02
C GLU B 28 -10.39 -6.34 -6.53
N PRO B 29 -11.60 -6.78 -6.12
CA PRO B 29 -11.86 -6.82 -4.68
C PRO B 29 -11.09 -8.03 -4.10
N GLY B 30 -10.27 -7.85 -3.07
CA GLY B 30 -9.94 -6.64 -2.34
C GLY B 30 -8.44 -6.44 -2.37
N LYS B 31 -7.96 -5.88 -3.48
CA LYS B 31 -6.56 -5.59 -3.73
C LYS B 31 -6.35 -4.06 -3.77
N CYS B 32 -5.09 -3.61 -3.78
CA CYS B 32 -4.77 -2.19 -3.82
C CYS B 32 -3.90 -1.87 -5.03
N MET B 33 -3.70 -0.58 -5.28
CA MET B 33 -2.93 -0.01 -6.39
C MET B 33 -2.39 1.37 -5.98
N SER B 34 -1.12 1.67 -6.35
CA SER B 34 -0.47 2.94 -6.09
C SER B 34 -0.63 3.87 -7.30
N LEU B 35 -1.03 5.10 -7.04
CA LEU B 35 -1.23 6.11 -8.06
C LEU B 35 -0.42 7.36 -7.72
N LEU B 36 0.35 7.87 -8.69
CA LEU B 36 1.17 9.06 -8.50
C LEU B 36 0.85 10.09 -9.58
N GLY B 37 0.60 11.31 -9.13
CA GLY B 37 0.32 12.47 -9.96
C GLY B 37 -0.71 13.44 -9.42
N SER B 38 -1.08 14.37 -10.28
CA SER B 38 -2.09 15.37 -9.98
C SER B 38 -2.64 15.90 -11.28
N THR B 39 -3.90 16.31 -11.25
CA THR B 39 -4.61 16.90 -12.38
C THR B 39 -4.62 18.41 -12.16
N LEU B 40 -4.56 19.19 -13.25
CA LEU B 40 -4.66 20.64 -13.24
C LEU B 40 -6.11 20.91 -13.63
N VAL B 41 -6.99 20.99 -12.62
CA VAL B 41 -8.44 21.16 -12.73
C VAL B 41 -8.83 22.33 -13.68
N ASN B 42 -8.17 23.49 -13.53
CA ASN B 42 -8.44 24.68 -14.34
C ASN B 42 -7.39 24.83 -15.48
N LYS B 43 -7.04 23.69 -16.11
CA LYS B 43 -6.10 23.46 -17.21
C LYS B 43 -6.33 24.38 -18.42
N GLN B 44 -7.54 24.39 -18.99
CA GLN B 44 -7.90 25.18 -20.16
C GLN B 44 -7.67 26.68 -19.94
N ALA B 45 -8.03 27.20 -18.75
CA ALA B 45 -7.83 28.61 -18.43
C ALA B 45 -6.35 28.90 -18.15
N ALA B 46 -5.66 28.02 -17.39
CA ALA B 46 -4.26 28.14 -16.99
C ALA B 46 -3.28 28.02 -18.13
N ASN B 47 -3.61 27.23 -19.18
CA ASN B 47 -2.70 27.06 -20.33
C ASN B 47 -2.81 28.25 -21.31
N LYS B 48 -3.72 29.22 -21.02
CA LYS B 48 -3.94 30.45 -21.78
C LYS B 48 -3.37 31.65 -21.01
N PRO B 53 2.71 36.00 -18.02
CA PRO B 53 3.61 36.72 -17.11
C PRO B 53 3.02 36.92 -15.71
N VAL B 54 1.70 37.19 -15.62
CA VAL B 54 0.92 37.45 -14.39
C VAL B 54 0.88 36.19 -13.53
N THR B 55 0.91 36.34 -12.18
CA THR B 55 0.78 35.22 -11.25
C THR B 55 -0.70 34.77 -11.30
N ILE B 56 -0.94 33.47 -11.44
CA ILE B 56 -2.29 32.93 -11.63
C ILE B 56 -2.60 31.84 -10.59
N LEU B 57 -3.88 31.60 -10.34
CA LEU B 57 -4.29 30.55 -9.40
C LEU B 57 -4.54 29.23 -10.12
N LYS B 58 -3.72 28.24 -9.82
CA LYS B 58 -3.83 26.89 -10.34
C LYS B 58 -4.50 26.02 -9.29
N ILE B 59 -5.46 25.18 -9.72
CA ILE B 59 -6.18 24.25 -8.86
C ILE B 59 -5.78 22.83 -9.24
N PHE B 60 -5.33 22.04 -8.24
CA PHE B 60 -4.86 20.67 -8.45
C PHE B 60 -5.73 19.68 -7.73
N ARG B 61 -5.86 18.49 -8.33
CA ARG B 61 -6.64 17.39 -7.79
C ARG B 61 -5.80 16.13 -7.79
N CYS B 62 -5.93 15.33 -6.74
CA CYS B 62 -5.26 14.04 -6.58
C CYS B 62 -5.77 13.06 -7.64
N PRO B 63 -5.04 11.98 -7.99
CA PRO B 63 -5.59 11.01 -8.95
C PRO B 63 -6.71 10.20 -8.28
N VAL B 64 -7.91 10.79 -8.16
CA VAL B 64 -9.06 10.19 -7.47
C VAL B 64 -10.27 10.18 -8.42
N GLU B 65 -10.81 8.99 -8.66
CA GLU B 65 -11.94 8.80 -9.54
C GLU B 65 -13.24 9.20 -8.83
N GLU B 66 -13.98 10.16 -9.40
CA GLU B 66 -15.25 10.64 -8.85
C GLU B 66 -16.36 9.58 -9.02
N TYR B 67 -16.39 8.86 -10.16
CA TYR B 67 -17.42 7.85 -10.39
C TYR B 67 -16.82 6.44 -10.46
N LEU B 68 -16.10 6.02 -9.40
CA LEU B 68 -15.49 4.69 -9.32
C LEU B 68 -16.59 3.65 -9.17
N CYS B 69 -17.64 4.03 -8.41
CA CYS B 69 -18.90 3.32 -8.13
C CYS B 69 -18.67 1.90 -7.63
N MET B 70 -17.79 1.80 -6.63
CA MET B 70 -17.46 0.57 -5.89
C MET B 70 -16.87 0.95 -4.56
N ASN B 71 -17.22 0.18 -3.52
CA ASN B 71 -16.78 0.36 -2.15
C ASN B 71 -15.27 0.26 -2.11
N ALA B 72 -14.63 1.41 -1.91
CA ALA B 72 -13.18 1.54 -1.91
C ALA B 72 -12.73 2.66 -0.99
N THR B 73 -11.44 2.63 -0.63
CA THR B 73 -10.81 3.67 0.18
C THR B 73 -9.62 4.22 -0.60
N TRP B 74 -9.39 5.54 -0.48
CA TRP B 74 -8.27 6.23 -1.08
C TRP B 74 -7.45 6.85 0.04
N SER B 75 -6.15 6.61 0.05
CA SER B 75 -5.27 7.13 1.08
C SER B 75 -4.03 7.70 0.42
N GLY B 76 -3.86 9.02 0.51
CA GLY B 76 -2.77 9.73 -0.16
C GLY B 76 -1.88 10.67 0.63
N ARG B 77 -0.67 10.90 0.09
CA ARG B 77 0.37 11.79 0.63
C ARG B 77 0.62 12.88 -0.41
N LEU B 78 0.50 14.15 0.00
CA LEU B 78 0.63 15.32 -0.86
C LEU B 78 1.99 15.96 -0.66
N PHE B 79 2.70 16.29 -1.76
CA PHE B 79 4.04 16.84 -1.67
C PHE B 79 4.37 17.80 -2.81
N VAL B 80 5.44 18.58 -2.63
CA VAL B 80 6.06 19.48 -3.62
C VAL B 80 7.57 19.26 -3.58
N ARG B 81 8.26 19.68 -4.63
CA ARG B 81 9.71 19.66 -4.72
C ARG B 81 10.18 21.10 -4.64
N THR B 82 11.22 21.34 -3.83
CA THR B 82 11.80 22.66 -3.63
C THR B 82 12.83 22.98 -4.70
N GLN B 83 13.38 24.21 -4.67
CA GLN B 83 14.42 24.68 -5.58
C GLN B 83 15.75 23.91 -5.38
N ASP B 84 15.86 23.10 -4.29
CA ASP B 84 17.04 22.29 -3.99
C ASP B 84 16.67 20.78 -3.95
N ASN B 85 15.85 20.33 -4.93
CA ASN B 85 15.39 18.95 -5.18
C ASN B 85 14.91 18.17 -3.91
N ARG B 86 14.55 18.86 -2.83
CA ARG B 86 14.03 18.23 -1.62
C ARG B 86 12.49 18.13 -1.71
N GLU B 87 11.94 16.95 -1.36
CA GLU B 87 10.51 16.69 -1.37
C GLU B 87 9.90 17.05 -0.03
N ILE B 88 8.94 17.97 -0.02
CA ILE B 88 8.23 18.37 1.19
C ILE B 88 6.81 17.80 1.16
N ILE B 89 6.52 16.85 2.07
CA ILE B 89 5.19 16.25 2.24
C ILE B 89 4.43 17.19 3.17
N PHE B 90 3.51 17.99 2.62
CA PHE B 90 2.77 18.97 3.40
C PHE B 90 1.46 18.43 4.01
N GLY B 91 1.00 17.26 3.57
CA GLY B 91 -0.23 16.71 4.12
C GLY B 91 -0.60 15.32 3.70
N ASN B 92 -1.61 14.78 4.38
CA ASN B 92 -2.28 13.48 4.18
C ASN B 92 -3.72 13.76 3.84
N ILE B 93 -4.36 12.86 3.06
CA ILE B 93 -5.75 12.98 2.62
C ILE B 93 -6.40 11.60 2.47
N SER B 94 -7.73 11.51 2.73
CA SER B 94 -8.49 10.28 2.56
C SER B 94 -9.84 10.55 1.90
N PHE B 95 -10.28 9.60 1.06
CA PHE B 95 -11.56 9.56 0.34
C PHE B 95 -12.14 8.16 0.40
N THR B 96 -13.46 8.05 0.29
CA THR B 96 -14.13 6.76 0.21
C THR B 96 -15.05 6.81 -0.99
N SER B 97 -15.20 5.65 -1.64
CA SER B 97 -16.09 5.42 -2.75
C SER B 97 -17.13 4.39 -2.31
N THR B 98 -18.35 4.46 -2.88
CA THR B 98 -19.46 3.54 -2.61
C THR B 98 -20.02 3.12 -3.96
N ASP B 99 -20.67 1.94 -4.01
CA ASP B 99 -21.29 1.44 -5.23
C ASP B 99 -22.52 2.28 -5.65
N SER B 100 -23.12 3.02 -4.69
CA SER B 100 -24.32 3.83 -4.88
C SER B 100 -24.05 5.35 -4.97
N SER B 101 -22.88 5.82 -4.51
CA SER B 101 -22.60 7.24 -4.48
C SER B 101 -21.22 7.64 -5.02
N PRO B 102 -21.08 8.86 -5.60
CA PRO B 102 -19.75 9.32 -6.05
C PRO B 102 -18.77 9.51 -4.88
N THR B 103 -17.46 9.53 -5.19
CA THR B 103 -16.36 9.60 -4.21
C THR B 103 -16.48 10.86 -3.35
N THR B 104 -16.38 10.69 -2.02
CA THR B 104 -16.46 11.78 -1.06
C THR B 104 -15.18 11.84 -0.24
N LEU B 105 -14.69 13.07 0.01
CA LEU B 105 -13.54 13.37 0.84
C LEU B 105 -13.88 13.00 2.29
N THR B 106 -13.00 12.26 3.01
CA THR B 106 -13.33 11.86 4.37
C THR B 106 -12.35 12.45 5.42
N GLY B 107 -11.31 13.18 4.99
CA GLY B 107 -10.37 13.78 5.92
C GLY B 107 -9.09 14.34 5.32
N ILE B 108 -8.56 15.41 5.97
CA ILE B 108 -7.32 16.12 5.62
C ILE B 108 -6.50 16.37 6.88
N SER B 109 -5.18 16.12 6.81
CA SER B 109 -4.24 16.43 7.87
C SER B 109 -3.08 17.23 7.27
N THR B 110 -2.75 18.39 7.86
CA THR B 110 -1.67 19.25 7.34
C THR B 110 -0.51 19.25 8.31
N LEU B 111 0.73 19.34 7.76
CA LEU B 111 1.97 19.34 8.54
C LEU B 111 2.07 20.66 9.29
N LYS B 112 2.17 20.57 10.62
CA LYS B 112 2.26 21.73 11.50
C LYS B 112 3.64 21.81 12.19
N PRO B 113 4.34 22.96 12.12
CA PRO B 113 3.94 24.20 11.43
C PRO B 113 3.97 24.02 9.91
N TRP B 114 3.13 24.78 9.18
CA TRP B 114 3.00 24.74 7.73
C TRP B 114 4.40 24.89 7.11
N PRO B 115 4.91 23.87 6.38
CA PRO B 115 6.30 23.94 5.88
C PRO B 115 6.47 24.80 4.64
N LEU B 116 5.37 25.22 4.02
CA LEU B 116 5.38 26.03 2.79
C LEU B 116 4.97 27.46 3.09
N SER B 117 4.89 28.27 2.02
CA SER B 117 4.42 29.65 2.06
C SER B 117 2.87 29.66 2.04
N SER B 118 2.28 30.86 2.02
CA SER B 118 0.83 31.05 1.93
C SER B 118 0.35 30.90 0.46
N ASP B 119 1.28 30.62 -0.48
CA ASP B 119 1.03 30.50 -1.92
C ASP B 119 0.44 29.15 -2.31
N LEU B 120 0.31 28.23 -1.34
CA LEU B 120 -0.30 26.93 -1.52
C LEU B 120 -1.05 26.59 -0.25
N TRP B 121 -2.25 26.02 -0.41
CA TRP B 121 -3.15 25.56 0.65
C TRP B 121 -4.10 24.49 0.09
N ILE B 122 -4.63 23.64 0.99
CA ILE B 122 -5.62 22.61 0.66
C ILE B 122 -7.02 23.11 1.03
N HIS B 123 -7.98 22.97 0.10
CA HIS B 123 -9.37 23.35 0.33
C HIS B 123 -10.02 22.26 1.19
N SER B 124 -10.84 22.64 2.19
CA SER B 124 -11.52 21.74 3.12
C SER B 124 -12.71 21.00 2.52
N GLY B 125 -13.51 21.67 1.68
CA GLY B 125 -14.70 21.13 1.02
C GLY B 125 -14.40 19.91 0.19
N THR B 126 -13.58 20.10 -0.84
CA THR B 126 -13.00 19.04 -1.69
C THR B 126 -11.61 18.84 -1.10
N GLY B 127 -10.79 17.99 -1.69
CA GLY B 127 -9.42 17.89 -1.20
C GLY B 127 -8.46 18.59 -2.13
N ASP B 128 -8.99 19.54 -2.91
CA ASP B 128 -8.27 20.28 -3.94
C ASP B 128 -7.17 21.14 -3.36
N ILE B 129 -6.02 21.15 -4.04
CA ILE B 129 -4.85 21.92 -3.69
C ILE B 129 -4.82 23.19 -4.56
N TYR B 130 -4.91 24.36 -3.91
CA TYR B 130 -4.89 25.68 -4.53
C TYR B 130 -3.51 26.25 -4.42
N MET B 131 -2.92 26.64 -5.56
CA MET B 131 -1.56 27.18 -5.61
C MET B 131 -1.44 28.42 -6.52
N PHE B 132 -0.63 29.41 -6.11
CA PHE B 132 -0.34 30.57 -6.95
C PHE B 132 0.91 30.24 -7.78
N SER B 133 0.87 30.49 -9.10
CA SER B 133 1.97 30.16 -10.01
C SER B 133 3.32 30.85 -9.66
N ASN B 134 3.32 31.84 -8.73
CA ASN B 134 4.51 32.59 -8.29
C ASN B 134 5.27 31.83 -7.17
N ALA B 135 4.77 30.64 -6.75
CA ALA B 135 5.34 29.79 -5.70
C ALA B 135 6.79 29.40 -5.98
N SER B 136 7.61 29.36 -4.93
CA SER B 136 9.04 29.02 -4.98
C SER B 136 9.25 27.52 -4.73
N PHE B 137 8.39 26.70 -5.36
CA PHE B 137 8.38 25.24 -5.30
C PHE B 137 7.53 24.71 -6.45
N SER B 138 7.63 23.40 -6.72
CA SER B 138 6.93 22.72 -7.81
C SER B 138 5.43 22.58 -7.54
N ASP B 139 4.72 22.13 -8.58
CA ASP B 139 3.31 21.85 -8.58
C ASP B 139 3.04 20.66 -7.63
N PRO B 140 1.94 20.66 -6.85
CA PRO B 140 1.70 19.56 -5.90
C PRO B 140 1.39 18.24 -6.60
N LYS B 141 1.76 17.11 -5.97
CA LYS B 141 1.48 15.76 -6.48
C LYS B 141 1.02 14.86 -5.34
N CYS B 142 0.16 13.87 -5.65
CA CYS B 142 -0.36 12.93 -4.65
C CYS B 142 0.15 11.52 -4.87
N TYR B 143 0.73 10.89 -3.82
CA TYR B 143 1.04 9.45 -3.81
C TYR B 143 -0.21 8.79 -3.25
N ILE B 144 -1.11 8.31 -4.08
CA ILE B 144 -2.38 7.73 -3.60
C ILE B 144 -2.32 6.22 -3.60
N THR B 145 -2.98 5.58 -2.63
CA THR B 145 -3.14 4.12 -2.62
C THR B 145 -4.67 3.86 -2.67
N LEU B 146 -5.10 3.23 -3.77
CA LEU B 146 -6.50 2.87 -3.96
C LEU B 146 -6.67 1.42 -3.56
N CYS B 147 -7.51 1.17 -2.54
CA CYS B 147 -7.83 -0.17 -2.06
C CYS B 147 -9.30 -0.45 -2.33
N VAL B 148 -9.61 -1.36 -3.28
CA VAL B 148 -10.99 -1.76 -3.59
C VAL B 148 -11.40 -2.80 -2.56
N LEU B 149 -12.62 -2.70 -1.97
CA LEU B 149 -13.07 -3.62 -0.94
C LEU B 149 -13.87 -4.81 -1.47
N ARG B 150 -13.72 -5.99 -0.81
CA ARG B 150 -14.45 -7.23 -1.07
C ARG B 150 -15.93 -7.01 -0.80
N LYS B 151 -16.83 -7.80 -1.44
CA LYS B 151 -18.27 -7.72 -1.20
C LYS B 151 -18.57 -7.92 0.30
N ASN B 152 -19.35 -7.00 0.91
CA ASN B 152 -19.74 -6.97 2.33
C ASN B 152 -18.50 -6.92 3.28
N ALA B 153 -17.50 -6.07 2.96
CA ALA B 153 -16.28 -5.90 3.77
C ALA B 153 -16.55 -5.16 5.08
N SER C 13 15.29 -24.02 -9.44
CA SER C 13 13.96 -24.65 -9.36
C SER C 13 13.00 -23.84 -8.46
N CYS C 14 11.74 -23.66 -8.92
CA CYS C 14 10.70 -22.93 -8.20
C CYS C 14 9.31 -23.44 -8.59
N VAL C 15 8.60 -24.09 -7.63
CA VAL C 15 7.22 -24.59 -7.83
C VAL C 15 6.23 -23.56 -7.23
N LYS C 16 5.45 -22.87 -8.09
CA LYS C 16 4.46 -21.84 -7.71
C LYS C 16 3.42 -22.36 -6.70
N LYS C 17 3.33 -21.69 -5.55
CA LYS C 17 2.35 -22.01 -4.51
C LYS C 17 1.95 -20.72 -3.78
N PHE C 18 0.81 -20.73 -3.09
CA PHE C 18 0.25 -19.61 -2.33
C PHE C 18 -0.57 -20.19 -1.17
N THR C 19 0.08 -20.28 0.00
CA THR C 19 -0.45 -20.88 1.23
C THR C 19 -0.49 -19.89 2.38
N VAL C 20 0.15 -18.72 2.23
CA VAL C 20 0.17 -17.66 3.26
C VAL C 20 -1.22 -16.98 3.37
N SER C 21 -2.08 -17.28 2.39
CA SER C 21 -3.49 -16.89 2.35
C SER C 21 -4.26 -18.12 1.90
N GLU C 22 -5.36 -18.46 2.59
CA GLU C 22 -6.15 -19.63 2.22
C GLU C 22 -7.48 -19.23 1.55
N ARG C 23 -7.98 -18.01 1.80
CA ARG C 23 -9.26 -17.54 1.25
C ARG C 23 -9.13 -16.38 0.24
N ARG C 24 -7.90 -15.99 -0.10
CA ARG C 24 -7.70 -14.90 -1.06
C ARG C 24 -6.66 -15.29 -2.10
N PRO C 25 -6.87 -14.92 -3.38
CA PRO C 25 -5.87 -15.24 -4.40
C PRO C 25 -4.68 -14.25 -4.38
N PRO C 26 -3.51 -14.55 -4.99
CA PRO C 26 -2.43 -13.56 -4.98
C PRO C 26 -2.77 -12.38 -5.91
N PRO C 27 -2.20 -11.17 -5.71
CA PRO C 27 -2.53 -10.05 -6.61
C PRO C 27 -2.08 -10.28 -8.06
N GLU C 28 -2.82 -9.68 -8.97
CA GLU C 28 -2.51 -9.69 -10.40
C GLU C 28 -1.33 -8.75 -10.65
N PRO C 29 -0.57 -8.87 -11.77
CA PRO C 29 0.47 -7.86 -12.04
C PRO C 29 -0.22 -6.58 -12.52
N GLY C 30 0.01 -5.41 -11.92
CA GLY C 30 0.87 -5.11 -10.79
C GLY C 30 0.05 -4.44 -9.71
N LYS C 31 -0.66 -5.28 -8.94
CA LYS C 31 -1.52 -4.87 -7.83
C LYS C 31 -0.89 -5.33 -6.50
N CYS C 32 -1.43 -4.84 -5.36
CA CYS C 32 -0.93 -5.21 -4.04
C CYS C 32 -2.04 -5.84 -3.20
N MET C 33 -1.65 -6.37 -2.04
CA MET C 33 -2.49 -7.06 -1.07
C MET C 33 -1.85 -6.93 0.34
N SER C 34 -2.67 -6.71 1.38
CA SER C 34 -2.23 -6.61 2.79
C SER C 34 -2.42 -7.95 3.49
N LEU C 35 -1.41 -8.35 4.30
CA LEU C 35 -1.39 -9.60 5.07
C LEU C 35 -0.97 -9.28 6.51
N LEU C 36 -1.82 -9.66 7.47
CA LEU C 36 -1.54 -9.44 8.88
C LEU C 36 -1.48 -10.77 9.63
N GLY C 37 -0.47 -10.92 10.45
CA GLY C 37 -0.27 -12.11 11.26
C GLY C 37 1.16 -12.56 11.38
N SER C 38 1.36 -13.73 11.97
CA SER C 38 2.65 -14.38 12.16
C SER C 38 2.44 -15.86 12.37
N THR C 39 3.38 -16.65 11.88
CA THR C 39 3.36 -18.09 12.02
C THR C 39 4.25 -18.46 13.20
N LEU C 40 3.75 -19.32 14.07
CA LEU C 40 4.51 -19.86 15.19
C LEU C 40 5.25 -21.07 14.62
N VAL C 41 6.46 -20.82 14.09
CA VAL C 41 7.34 -21.77 13.40
C VAL C 41 7.55 -23.07 14.22
N ASN C 42 7.82 -22.94 15.52
CA ASN C 42 8.06 -24.08 16.40
C ASN C 42 6.78 -24.41 17.23
N LYS C 43 5.62 -24.35 16.56
CA LYS C 43 4.26 -24.60 17.06
C LYS C 43 4.11 -25.93 17.84
N GLN C 44 4.46 -27.07 17.20
CA GLN C 44 4.33 -28.40 17.80
C GLN C 44 5.12 -28.54 19.11
N ALA C 45 6.33 -27.99 19.15
CA ALA C 45 7.18 -28.05 20.34
C ALA C 45 6.68 -27.08 21.41
N ALA C 46 6.31 -25.86 20.98
CA ALA C 46 5.83 -24.81 21.87
C ALA C 46 4.53 -25.19 22.56
N ASN C 47 3.54 -25.73 21.80
CA ASN C 47 2.22 -26.08 22.33
C ASN C 47 2.23 -27.27 23.31
N LYS C 48 3.22 -28.16 23.26
CA LYS C 48 3.21 -29.28 24.20
C LYS C 48 3.75 -28.84 25.60
N GLN C 49 4.36 -27.63 25.69
CA GLN C 49 4.92 -27.06 26.94
C GLN C 49 3.99 -26.04 27.60
N VAL C 50 2.75 -25.97 27.13
CA VAL C 50 1.71 -25.08 27.61
C VAL C 50 1.22 -25.50 29.03
N ASP C 51 1.27 -26.81 29.34
CA ASP C 51 0.88 -27.35 30.63
C ASP C 51 1.93 -27.11 31.73
N LYS C 52 3.21 -26.86 31.34
CA LYS C 52 4.34 -26.67 32.26
C LYS C 52 4.54 -25.19 32.65
N PRO C 53 4.97 -24.89 33.92
CA PRO C 53 5.20 -23.48 34.29
C PRO C 53 6.64 -23.05 33.94
N VAL C 54 7.00 -23.17 32.64
CA VAL C 54 8.35 -22.85 32.18
C VAL C 54 8.29 -21.78 31.09
N THR C 55 9.26 -20.82 31.11
CA THR C 55 9.39 -19.81 30.05
C THR C 55 9.98 -20.56 28.84
N ILE C 56 9.40 -20.35 27.65
CA ILE C 56 9.82 -21.09 26.46
C ILE C 56 10.21 -20.15 25.32
N LEU C 57 11.03 -20.66 24.36
CA LEU C 57 11.40 -19.85 23.21
C LEU C 57 10.46 -20.12 22.04
N LYS C 58 9.73 -19.09 21.65
CA LYS C 58 8.83 -19.11 20.51
C LYS C 58 9.51 -18.43 19.32
N ILE C 59 9.41 -19.03 18.12
CA ILE C 59 9.95 -18.50 16.88
C ILE C 59 8.77 -18.10 15.99
N PHE C 60 8.78 -16.84 15.50
CA PHE C 60 7.70 -16.30 14.66
C PHE C 60 8.21 -15.95 13.28
N ARG C 61 7.33 -16.09 12.28
CA ARG C 61 7.63 -15.78 10.87
C ARG C 61 6.54 -14.91 10.30
N CYS C 62 6.92 -13.95 9.43
CA CYS C 62 5.99 -13.04 8.75
C CYS C 62 5.17 -13.82 7.73
N PRO C 63 3.96 -13.34 7.36
CA PRO C 63 3.19 -14.08 6.34
C PRO C 63 3.83 -13.85 4.94
N VAL C 64 4.92 -14.58 4.67
CA VAL C 64 5.68 -14.45 3.41
C VAL C 64 5.82 -15.83 2.76
N GLU C 65 5.40 -15.91 1.49
CA GLU C 65 5.45 -17.15 0.71
C GLU C 65 6.86 -17.39 0.22
N GLU C 66 7.46 -18.55 0.60
CA GLU C 66 8.81 -18.93 0.17
C GLU C 66 8.83 -19.34 -1.30
N TYR C 67 7.79 -20.06 -1.78
CA TYR C 67 7.75 -20.49 -3.17
C TYR C 67 6.64 -19.79 -3.96
N LEU C 68 6.68 -18.47 -3.88
CA LEU C 68 5.90 -17.58 -4.72
C LEU C 68 6.84 -17.37 -5.87
N CYS C 69 6.53 -17.96 -7.01
CA CYS C 69 7.46 -17.85 -8.12
C CYS C 69 6.92 -16.84 -9.14
N MET C 70 6.75 -15.62 -8.64
CA MET C 70 6.32 -14.42 -9.36
C MET C 70 7.25 -13.29 -8.97
N ASN C 71 7.53 -12.35 -9.88
CA ASN C 71 8.35 -11.20 -9.56
C ASN C 71 7.52 -10.26 -8.66
N ALA C 72 7.90 -10.18 -7.37
CA ALA C 72 7.16 -9.39 -6.37
C ALA C 72 8.05 -8.82 -5.28
N THR C 73 7.51 -7.82 -4.56
CA THR C 73 8.15 -7.22 -3.41
C THR C 73 7.24 -7.40 -2.20
N TRP C 74 7.84 -7.63 -1.03
CA TRP C 74 7.16 -7.74 0.25
C TRP C 74 7.68 -6.62 1.13
N SER C 75 6.79 -5.85 1.73
CA SER C 75 7.18 -4.73 2.59
C SER C 75 6.34 -4.78 3.84
N GLY C 76 6.98 -4.96 4.98
CA GLY C 76 6.23 -5.06 6.22
C GLY C 76 6.79 -4.34 7.43
N ARG C 77 5.91 -4.16 8.40
CA ARG C 77 6.17 -3.54 9.69
C ARG C 77 5.95 -4.60 10.77
N LEU C 78 6.94 -4.78 11.64
CA LEU C 78 6.89 -5.73 12.76
C LEU C 78 6.56 -4.98 14.04
N PHE C 79 5.57 -5.49 14.80
CA PHE C 79 5.12 -4.83 16.02
C PHE C 79 4.65 -5.78 17.11
N VAL C 80 4.53 -5.23 18.34
CA VAL C 80 4.02 -5.88 19.55
C VAL C 80 3.09 -4.91 20.29
N ARG C 81 2.14 -5.46 21.05
CA ARG C 81 1.23 -4.68 21.88
C ARG C 81 1.69 -4.83 23.33
N THR C 82 1.69 -3.73 24.08
CA THR C 82 2.13 -3.73 25.49
C THR C 82 0.95 -3.89 26.45
N GLN C 83 1.28 -4.11 27.76
CA GLN C 83 0.33 -4.30 28.87
C GLN C 83 -0.60 -3.08 29.07
N ASP C 84 -0.31 -1.95 28.39
CA ASP C 84 -1.13 -0.73 28.40
C ASP C 84 -1.58 -0.36 26.96
N ASN C 85 -2.02 -1.41 26.20
CA ASN C 85 -2.56 -1.42 24.83
C ASN C 85 -1.79 -0.56 23.79
N ARG C 86 -0.50 -0.25 24.05
CA ARG C 86 0.31 0.53 23.11
C ARG C 86 0.96 -0.35 22.06
N GLU C 87 0.97 0.12 20.80
CA GLU C 87 1.62 -0.58 19.70
C GLU C 87 3.07 -0.14 19.62
N ILE C 88 4.00 -1.10 19.63
CA ILE C 88 5.40 -0.76 19.46
C ILE C 88 5.88 -1.42 18.16
N ILE C 89 6.18 -0.59 17.14
CA ILE C 89 6.75 -1.04 15.86
C ILE C 89 8.26 -1.09 16.11
N PHE C 90 8.81 -2.30 16.29
CA PHE C 90 10.23 -2.48 16.60
C PHE C 90 11.11 -2.57 15.33
N GLY C 91 10.47 -2.63 14.16
CA GLY C 91 11.19 -2.72 12.89
C GLY C 91 10.40 -2.87 11.61
N ASN C 92 11.09 -2.63 10.48
CA ASN C 92 10.63 -2.77 9.10
C ASN C 92 11.39 -3.92 8.43
N ILE C 93 10.75 -4.59 7.48
CA ILE C 93 11.39 -5.73 6.82
C ILE C 93 10.95 -5.80 5.35
N SER C 94 11.88 -6.21 4.49
CA SER C 94 11.59 -6.37 3.08
C SER C 94 12.13 -7.69 2.54
N PHE C 95 11.39 -8.24 1.58
CA PHE C 95 11.68 -9.47 0.82
C PHE C 95 11.36 -9.27 -0.65
N THR C 96 12.03 -10.00 -1.53
CA THR C 96 11.72 -9.99 -2.96
C THR C 96 11.55 -11.43 -3.42
N SER C 97 10.76 -11.64 -4.47
CA SER C 97 10.49 -12.93 -5.11
C SER C 97 10.72 -12.85 -6.60
N THR C 98 11.17 -13.96 -7.21
CA THR C 98 11.37 -14.05 -8.67
C THR C 98 10.68 -15.31 -9.18
N ASP C 99 10.39 -15.38 -10.48
CA ASP C 99 9.77 -16.55 -11.09
C ASP C 99 10.73 -17.77 -11.12
N SER C 100 12.06 -17.51 -11.01
CA SER C 100 13.11 -18.53 -11.06
C SER C 100 13.71 -18.90 -9.67
N SER C 101 13.62 -18.01 -8.65
CA SER C 101 14.22 -18.31 -7.34
C SER C 101 13.24 -18.12 -6.15
N PRO C 102 13.41 -18.90 -5.02
CA PRO C 102 12.54 -18.71 -3.84
C PRO C 102 12.73 -17.32 -3.21
N THR C 103 11.75 -16.87 -2.39
CA THR C 103 11.74 -15.56 -1.76
C THR C 103 12.99 -15.36 -0.88
N THR C 104 13.66 -14.21 -1.05
CA THR C 104 14.86 -13.88 -0.28
C THR C 104 14.63 -12.61 0.50
N LEU C 105 15.11 -12.58 1.75
CA LEU C 105 15.09 -11.43 2.66
C LEU C 105 16.02 -10.36 2.06
N THR C 106 15.55 -9.09 1.94
CA THR C 106 16.40 -8.06 1.33
C THR C 106 16.74 -6.91 2.32
N GLY C 107 16.24 -6.98 3.55
CA GLY C 107 16.55 -5.97 4.56
C GLY C 107 15.71 -5.97 5.81
N ILE C 108 16.33 -5.59 6.93
CA ILE C 108 15.77 -5.39 8.28
C ILE C 108 16.32 -4.07 8.83
N SER C 109 15.42 -3.20 9.32
CA SER C 109 15.81 -1.95 9.98
C SER C 109 15.07 -1.88 11.32
N THR C 110 15.78 -2.21 12.41
CA THR C 110 15.22 -2.19 13.76
C THR C 110 15.20 -0.73 14.32
N LEU C 111 14.40 -0.52 15.36
CA LEU C 111 14.24 0.76 16.04
C LEU C 111 15.34 0.92 17.08
N LYS C 112 16.09 2.04 16.98
CA LYS C 112 17.21 2.33 17.87
C LYS C 112 16.91 3.58 18.72
N PRO C 113 17.06 3.51 20.05
CA PRO C 113 17.48 2.33 20.83
C PRO C 113 16.36 1.29 20.85
N TRP C 114 16.74 0.00 21.02
CA TRP C 114 15.82 -1.14 21.03
C TRP C 114 14.69 -0.85 22.04
N PRO C 115 13.41 -0.72 21.58
CA PRO C 115 12.34 -0.29 22.50
C PRO C 115 11.82 -1.41 23.42
N LEU C 116 12.23 -2.64 23.15
CA LEU C 116 11.81 -3.80 23.91
C LEU C 116 12.92 -4.31 24.79
N SER C 117 12.66 -5.38 25.50
CA SER C 117 13.62 -6.05 26.37
C SER C 117 14.50 -6.96 25.50
N SER C 118 15.41 -7.72 26.15
CA SER C 118 16.26 -8.71 25.49
C SER C 118 15.48 -10.03 25.26
N ASP C 119 14.18 -10.06 25.65
CA ASP C 119 13.30 -11.22 25.54
C ASP C 119 12.73 -11.40 24.11
N LEU C 120 13.01 -10.43 23.21
CA LEU C 120 12.69 -10.47 21.80
C LEU C 120 13.85 -9.93 20.98
N TRP C 121 14.09 -10.56 19.82
CA TRP C 121 15.09 -10.13 18.84
C TRP C 121 14.75 -10.75 17.45
N ILE C 122 15.24 -10.12 16.38
CA ILE C 122 15.08 -10.56 15.01
C ILE C 122 16.37 -11.24 14.55
N HIS C 123 16.24 -12.42 13.90
CA HIS C 123 17.36 -13.14 13.31
C HIS C 123 17.72 -12.44 11.97
N SER C 124 19.01 -12.25 11.67
CA SER C 124 19.49 -11.56 10.47
C SER C 124 19.39 -12.40 9.20
N GLY C 125 19.69 -13.71 9.30
CA GLY C 125 19.69 -14.65 8.18
C GLY C 125 18.35 -14.70 7.48
N THR C 126 17.32 -15.12 8.21
CA THR C 126 15.90 -15.09 7.81
C THR C 126 15.37 -13.81 8.45
N GLY C 127 14.09 -13.54 8.34
CA GLY C 127 13.58 -12.39 9.06
C GLY C 127 12.83 -12.84 10.31
N ASP C 128 13.13 -14.05 10.82
CA ASP C 128 12.45 -14.70 11.95
C ASP C 128 12.61 -13.94 13.25
N ILE C 129 11.51 -13.81 14.00
CA ILE C 129 11.44 -13.12 15.28
C ILE C 129 11.44 -14.17 16.39
N TYR C 130 12.49 -14.12 17.24
CA TYR C 130 12.71 -15.01 18.39
C TYR C 130 12.25 -14.32 19.65
N MET C 131 11.35 -14.94 20.42
CA MET C 131 10.77 -14.37 21.63
C MET C 131 10.68 -15.37 22.80
N PHE C 132 10.94 -14.91 24.04
CA PHE C 132 10.75 -15.73 25.25
C PHE C 132 9.32 -15.50 25.76
N SER C 133 8.57 -16.58 26.05
CA SER C 133 7.17 -16.49 26.49
C SER C 133 6.95 -15.66 27.79
N ASN C 134 8.04 -15.31 28.51
CA ASN C 134 8.00 -14.54 29.77
C ASN C 134 7.97 -13.00 29.50
N ALA C 135 7.97 -12.59 28.22
CA ALA C 135 7.95 -11.21 27.75
C ALA C 135 6.74 -10.43 28.29
N SER C 136 6.95 -9.15 28.61
CA SER C 136 5.91 -8.25 29.15
C SER C 136 5.22 -7.49 28.00
N PHE C 137 4.93 -8.20 26.92
CA PHE C 137 4.29 -7.71 25.70
C PHE C 137 3.78 -8.89 24.90
N SER C 138 2.92 -8.61 23.90
CA SER C 138 2.29 -9.61 23.04
C SER C 138 3.25 -10.25 22.06
N ASP C 139 2.78 -11.31 21.39
CA ASP C 139 3.46 -12.04 20.34
C ASP C 139 3.67 -11.10 19.15
N PRO C 140 4.83 -11.15 18.45
CA PRO C 140 5.04 -10.23 17.32
C PRO C 140 4.14 -10.50 16.13
N LYS C 141 3.79 -9.46 15.37
CA LYS C 141 2.95 -9.58 14.18
C LYS C 141 3.51 -8.72 13.06
N CYS C 142 3.35 -9.19 11.80
CA CYS C 142 3.81 -8.46 10.63
C CYS C 142 2.63 -7.96 9.85
N TYR C 143 2.60 -6.66 9.63
CA TYR C 143 1.63 -6.10 8.71
C TYR C 143 2.44 -5.99 7.42
N ILE C 144 2.30 -6.97 6.51
CA ILE C 144 3.07 -6.97 5.27
C ILE C 144 2.17 -6.64 4.06
N THR C 145 2.74 -5.95 3.07
CA THR C 145 2.07 -5.61 1.82
C THR C 145 2.82 -6.33 0.67
N LEU C 146 2.10 -7.21 -0.01
CA LEU C 146 2.62 -7.96 -1.16
C LEU C 146 2.22 -7.24 -2.44
N CYS C 147 3.22 -6.77 -3.20
CA CYS C 147 3.02 -6.09 -4.47
C CYS C 147 3.60 -6.96 -5.58
N VAL C 148 2.75 -7.56 -6.43
CA VAL C 148 3.17 -8.38 -7.57
C VAL C 148 3.54 -7.42 -8.70
N LEU C 149 4.68 -7.64 -9.41
CA LEU C 149 5.15 -6.73 -10.45
C LEU C 149 4.69 -7.12 -11.86
N ARG C 150 4.43 -6.09 -12.71
CA ARG C 150 4.10 -6.19 -14.13
C ARG C 150 5.28 -6.76 -14.89
N LYS C 151 5.05 -7.41 -16.05
CA LYS C 151 6.12 -7.95 -16.89
C LYS C 151 7.11 -6.83 -17.27
N ASN C 152 8.43 -7.07 -17.09
CA ASN C 152 9.53 -6.12 -17.36
C ASN C 152 9.39 -4.78 -16.54
N ALA C 153 9.02 -4.89 -15.24
CA ALA C 153 8.85 -3.73 -14.35
C ALA C 153 10.19 -3.10 -13.99
N HIS C 154 10.20 -1.75 -13.90
CA HIS C 154 11.36 -0.90 -13.60
C HIS C 154 12.00 -1.24 -12.23
N ILE C 155 11.25 -1.90 -11.32
CA ILE C 155 11.75 -2.32 -10.01
C ILE C 155 12.47 -3.67 -10.16
N PRO C 156 13.71 -3.84 -9.62
CA PRO C 156 14.38 -5.16 -9.73
C PRO C 156 13.88 -6.15 -8.68
N CYS D 8 -21.32 -25.13 35.11
CA CYS D 8 -20.21 -24.73 34.25
C CYS D 8 -19.00 -25.67 34.47
N PRO D 9 -18.27 -26.12 33.40
CA PRO D 9 -17.14 -27.04 33.60
C PRO D 9 -15.97 -26.47 34.44
N GLN D 10 -15.08 -27.38 34.90
CA GLN D 10 -13.89 -27.08 35.71
C GLN D 10 -12.86 -26.27 34.92
N ASP D 11 -12.35 -25.19 35.56
CA ASP D 11 -11.37 -24.23 35.03
C ASP D 11 -11.94 -23.41 33.83
N TRP D 12 -13.30 -23.32 33.72
CA TRP D 12 -14.00 -22.54 32.69
C TRP D 12 -14.62 -21.29 33.34
N LEU D 13 -14.48 -20.13 32.68
CA LEU D 13 -15.03 -18.85 33.14
C LEU D 13 -16.54 -18.82 32.94
N SER D 14 -17.29 -18.17 33.87
CA SER D 14 -18.74 -18.07 33.76
C SER D 14 -19.19 -16.62 33.73
N HIS D 15 -20.05 -16.30 32.75
CA HIS D 15 -20.64 -14.97 32.58
C HIS D 15 -21.98 -15.12 31.88
N ARG D 16 -23.05 -14.66 32.56
CA ARG D 16 -24.45 -14.72 32.13
C ARG D 16 -24.84 -16.18 31.84
N ASP D 17 -25.33 -16.49 30.63
CA ASP D 17 -25.74 -17.83 30.25
C ASP D 17 -24.64 -18.57 29.45
N LYS D 18 -23.34 -18.23 29.68
CA LYS D 18 -22.23 -18.84 28.94
C LYS D 18 -21.06 -19.32 29.80
N CYS D 19 -20.26 -20.23 29.21
CA CYS D 19 -19.04 -20.80 29.79
C CYS D 19 -17.88 -20.52 28.83
N PHE D 20 -16.75 -20.00 29.32
CA PHE D 20 -15.63 -19.63 28.46
C PHE D 20 -14.33 -20.33 28.80
N HIS D 21 -13.62 -20.73 27.75
CA HIS D 21 -12.33 -21.40 27.84
C HIS D 21 -11.36 -20.66 26.95
N VAL D 22 -10.31 -20.12 27.55
CA VAL D 22 -9.24 -19.39 26.86
C VAL D 22 -8.10 -20.37 26.67
N SER D 23 -7.66 -20.56 25.43
CA SER D 23 -6.57 -21.49 25.17
C SER D 23 -5.22 -20.84 25.48
N GLN D 24 -4.25 -21.67 25.86
CA GLN D 24 -2.87 -21.23 26.10
C GLN D 24 -2.02 -21.62 24.87
N VAL D 25 -2.57 -22.54 24.06
CA VAL D 25 -2.05 -23.12 22.82
C VAL D 25 -2.38 -22.18 21.63
N SER D 26 -1.42 -22.00 20.71
CA SER D 26 -1.57 -21.18 19.50
C SER D 26 -1.69 -22.05 18.27
N ASN D 27 -2.62 -21.71 17.37
CA ASN D 27 -2.80 -22.41 16.09
C ASN D 27 -3.64 -21.55 15.13
N THR D 28 -3.86 -22.08 13.92
CA THR D 28 -4.68 -21.49 12.87
C THR D 28 -6.14 -21.44 13.31
N TRP D 29 -6.92 -20.58 12.63
CA TRP D 29 -8.34 -20.42 12.91
C TRP D 29 -9.11 -21.74 12.74
N LYS D 30 -8.80 -22.55 11.70
CA LYS D 30 -9.47 -23.84 11.46
C LYS D 30 -9.15 -24.85 12.55
N GLU D 31 -7.87 -24.92 12.99
CA GLU D 31 -7.43 -25.81 14.06
C GLU D 31 -8.05 -25.40 15.40
N GLY D 32 -8.26 -24.10 15.57
CA GLY D 32 -8.91 -23.53 16.75
C GLY D 32 -10.37 -23.94 16.80
N ARG D 33 -11.04 -23.90 15.61
CA ARG D 33 -12.44 -24.30 15.41
C ARG D 33 -12.62 -25.79 15.75
N ILE D 34 -11.72 -26.66 15.23
CA ILE D 34 -11.73 -28.11 15.47
C ILE D 34 -11.63 -28.38 16.99
N ASP D 35 -10.68 -27.72 17.68
CA ASP D 35 -10.42 -27.86 19.12
C ASP D 35 -11.67 -27.55 19.95
N CYS D 36 -12.41 -26.45 19.63
CA CYS D 36 -13.64 -26.10 20.35
C CYS D 36 -14.70 -27.19 20.15
N ASP D 37 -14.80 -27.78 18.93
CA ASP D 37 -15.75 -28.85 18.60
C ASP D 37 -15.46 -30.13 19.41
N LYS D 38 -14.17 -30.49 19.57
CA LYS D 38 -13.70 -31.67 20.33
C LYS D 38 -14.07 -31.54 21.81
N LYS D 39 -14.20 -30.28 22.30
CA LYS D 39 -14.56 -29.91 23.67
C LYS D 39 -16.09 -29.74 23.85
N GLY D 40 -16.86 -29.99 22.79
CA GLY D 40 -18.32 -29.85 22.78
C GLY D 40 -18.78 -28.41 22.89
N ALA D 41 -17.94 -27.49 22.40
CA ALA D 41 -18.14 -26.05 22.42
C ALA D 41 -17.98 -25.51 21.01
N THR D 42 -18.06 -24.18 20.86
CA THR D 42 -17.87 -23.48 19.59
C THR D 42 -16.96 -22.28 19.86
N LEU D 43 -16.33 -21.72 18.81
CA LEU D 43 -15.51 -20.51 18.97
C LEU D 43 -16.41 -19.36 19.50
N LEU D 44 -15.80 -18.35 20.12
CA LEU D 44 -16.53 -17.25 20.74
C LEU D 44 -17.47 -16.50 19.78
N LEU D 45 -18.71 -16.38 20.24
CA LEU D 45 -19.77 -15.60 19.61
C LEU D 45 -20.05 -14.47 20.58
N ILE D 46 -19.59 -13.24 20.28
CA ILE D 46 -19.75 -12.08 21.17
C ILE D 46 -21.20 -11.58 21.14
N GLN D 47 -21.90 -11.57 22.29
CA GLN D 47 -23.28 -11.10 22.36
C GLN D 47 -23.34 -9.58 22.32
N ASP D 48 -22.51 -8.91 23.16
CA ASP D 48 -22.44 -7.45 23.27
C ASP D 48 -21.08 -7.01 23.83
N GLN D 49 -20.90 -5.68 24.02
CA GLN D 49 -19.67 -5.06 24.55
C GLN D 49 -19.41 -5.47 26.02
N GLU D 50 -20.49 -5.74 26.81
CA GLU D 50 -20.39 -6.15 28.22
C GLU D 50 -19.70 -7.52 28.34
N GLU D 51 -20.00 -8.45 27.42
CA GLU D 51 -19.41 -9.79 27.34
C GLU D 51 -17.93 -9.65 26.97
N LEU D 52 -17.65 -8.77 26.01
CA LEU D 52 -16.31 -8.49 25.51
C LEU D 52 -15.43 -7.96 26.64
N ARG D 53 -15.87 -6.88 27.33
CA ARG D 53 -15.14 -6.25 28.45
C ARG D 53 -14.94 -7.21 29.63
N PHE D 54 -15.84 -8.22 29.81
CA PHE D 54 -15.69 -9.21 30.89
C PHE D 54 -14.45 -10.01 30.64
N LEU D 55 -14.30 -10.50 29.40
CA LEU D 55 -13.19 -11.32 28.96
C LEU D 55 -11.89 -10.56 29.03
N LEU D 56 -11.86 -9.30 28.52
CA LEU D 56 -10.68 -8.43 28.54
C LEU D 56 -10.14 -8.23 29.96
N ASP D 57 -11.04 -7.92 30.92
CA ASP D 57 -10.72 -7.69 32.34
C ASP D 57 -10.28 -8.98 33.07
N SER D 58 -10.53 -10.18 32.51
CA SER D 58 -10.17 -11.44 33.15
C SER D 58 -9.28 -12.33 32.27
N ILE D 59 -8.52 -11.73 31.34
CA ILE D 59 -7.62 -12.47 30.44
C ILE D 59 -6.20 -11.86 30.49
N GLU D 61 -2.15 -10.91 30.02
CA GLU D 61 -2.18 -11.77 28.84
C GLU D 61 -3.14 -11.22 27.74
N LYS D 62 -3.93 -10.17 28.07
CA LYS D 62 -4.94 -9.48 27.25
C LYS D 62 -4.42 -8.85 25.97
N TYR D 63 -3.11 -8.48 25.92
CA TYR D 63 -2.47 -7.84 24.76
C TYR D 63 -2.45 -8.75 23.50
N ASN D 64 -2.52 -10.09 23.69
CA ASN D 64 -2.48 -11.06 22.60
C ASN D 64 -3.80 -11.18 21.87
N SER D 65 -3.75 -11.72 20.64
CA SER D 65 -4.93 -11.92 19.79
C SER D 65 -5.53 -13.30 20.05
N PHE D 66 -6.87 -13.35 20.07
CA PHE D 66 -7.64 -14.55 20.33
C PHE D 66 -8.68 -14.75 19.25
N TRP D 67 -8.58 -15.87 18.49
CA TRP D 67 -9.55 -16.25 17.44
C TRP D 67 -10.96 -16.31 18.00
N ILE D 68 -11.92 -15.73 17.25
CA ILE D 68 -13.34 -15.74 17.60
C ILE D 68 -14.11 -16.38 16.42
N GLY D 69 -15.33 -16.86 16.70
CA GLY D 69 -16.20 -17.51 15.74
C GLY D 69 -16.81 -16.60 14.70
N LEU D 70 -15.94 -15.89 13.94
CA LEU D 70 -16.31 -14.93 12.90
C LEU D 70 -15.21 -14.94 11.82
N SER D 71 -15.63 -15.13 10.56
CA SER D 71 -14.73 -15.21 9.41
C SER D 71 -15.44 -14.79 8.11
N TYR D 72 -14.65 -14.48 7.07
CA TYR D 72 -15.18 -14.10 5.75
C TYR D 72 -15.35 -15.39 4.95
N THR D 73 -16.60 -15.87 4.87
CA THR D 73 -16.98 -17.12 4.22
C THR D 73 -17.07 -16.91 2.71
N LEU D 74 -16.36 -17.74 1.96
CA LEU D 74 -16.26 -17.63 0.51
C LEU D 74 -17.55 -18.02 -0.23
N THR D 75 -18.43 -18.84 0.39
CA THR D 75 -19.70 -19.26 -0.22
C THR D 75 -20.69 -18.08 -0.20
N ASP D 76 -20.76 -17.35 0.93
CA ASP D 76 -21.63 -16.20 1.14
C ASP D 76 -21.03 -14.89 0.61
N MET D 77 -19.68 -14.80 0.57
CA MET D 77 -18.92 -13.60 0.18
C MET D 77 -19.32 -12.48 1.14
N ASN D 78 -19.25 -12.76 2.46
CA ASN D 78 -19.62 -11.84 3.54
C ASN D 78 -19.09 -12.35 4.89
N TRP D 79 -18.88 -11.42 5.85
CA TRP D 79 -18.43 -11.76 7.20
C TRP D 79 -19.60 -12.44 7.91
N LYS D 80 -19.36 -13.65 8.41
CA LYS D 80 -20.39 -14.43 9.08
C LYS D 80 -19.89 -15.09 10.33
N TRP D 81 -20.78 -15.19 11.34
CA TRP D 81 -20.52 -15.88 12.58
C TRP D 81 -20.66 -17.38 12.31
N ILE D 82 -19.92 -18.22 13.05
CA ILE D 82 -19.93 -19.67 12.85
C ILE D 82 -21.32 -20.29 13.14
N ASN D 83 -22.26 -19.48 13.67
CA ASN D 83 -23.63 -19.90 14.03
C ASN D 83 -24.63 -19.72 12.84
N GLY D 84 -24.12 -19.23 11.71
CA GLY D 84 -24.91 -19.00 10.50
C GLY D 84 -25.42 -17.58 10.33
N THR D 85 -25.27 -16.71 11.35
CA THR D 85 -25.74 -15.31 11.33
C THR D 85 -24.67 -14.37 10.79
N ALA D 86 -25.10 -13.46 9.89
CA ALA D 86 -24.26 -12.46 9.25
C ALA D 86 -23.83 -11.38 10.25
N PHE D 87 -22.63 -10.80 10.03
CA PHE D 87 -22.07 -9.76 10.89
C PHE D 87 -22.64 -8.37 10.56
N ASN D 88 -22.88 -7.57 11.61
CA ASN D 88 -23.37 -6.19 11.56
C ASN D 88 -22.64 -5.30 12.61
N SER D 89 -22.70 -3.96 12.44
CA SER D 89 -22.05 -3.01 13.35
C SER D 89 -23.08 -2.22 14.18
N VAL D 91 -23.15 -3.07 17.17
CA VAL D 91 -22.70 -3.36 18.54
C VAL D 91 -21.18 -3.23 18.65
N LEU D 92 -20.44 -3.98 17.79
CA LEU D 92 -18.97 -3.99 17.70
C LEU D 92 -18.53 -3.99 16.23
N LYS D 93 -17.39 -3.34 15.91
CA LYS D 93 -16.90 -3.23 14.54
C LYS D 93 -15.46 -3.77 14.38
N ILE D 94 -15.19 -4.44 13.24
CA ILE D 94 -13.87 -5.01 12.89
C ILE D 94 -12.94 -3.85 12.53
N THR D 95 -11.97 -3.55 13.42
CA THR D 95 -11.01 -2.49 13.22
C THR D 95 -9.92 -2.96 12.24
N GLY D 96 -9.39 -1.98 11.49
CA GLY D 96 -8.38 -2.18 10.46
C GLY D 96 -8.59 -1.22 9.30
N VAL D 97 -7.51 -0.59 8.84
CA VAL D 97 -7.54 0.39 7.74
C VAL D 97 -7.69 -0.38 6.41
N THR D 98 -7.08 -1.57 6.33
CA THR D 98 -7.09 -2.45 5.15
C THR D 98 -7.66 -3.84 5.48
N GLU D 99 -8.01 -4.59 4.41
CA GLU D 99 -8.44 -5.98 4.46
C GLU D 99 -7.16 -6.80 4.53
N ASN D 100 -6.84 -7.35 5.70
CA ASN D 100 -5.58 -8.06 5.84
C ASN D 100 -5.78 -9.55 6.27
N GLY D 101 -6.98 -10.07 6.03
CA GLY D 101 -7.31 -11.44 6.32
C GLY D 101 -8.79 -11.70 6.40
N SER D 102 -9.18 -12.98 6.29
CA SER D 102 -10.58 -13.44 6.26
C SER D 102 -11.02 -14.05 7.60
N CYS D 103 -10.20 -13.91 8.66
CA CYS D 103 -10.51 -14.48 9.98
C CYS D 103 -10.46 -13.39 11.05
N ALA D 104 -11.44 -13.38 11.97
CA ALA D 104 -11.50 -12.37 13.03
C ALA D 104 -10.96 -12.88 14.38
N ALA D 105 -10.34 -11.97 15.13
CA ALA D 105 -9.74 -12.24 16.43
C ALA D 105 -9.84 -11.01 17.31
N ILE D 106 -9.98 -11.20 18.62
CA ILE D 106 -10.04 -10.04 19.51
C ILE D 106 -8.61 -9.69 19.92
N SER D 107 -8.04 -8.71 19.22
CA SER D 107 -6.68 -8.19 19.40
C SER D 107 -6.70 -7.08 20.41
N GLY D 108 -6.33 -7.42 21.63
CA GLY D 108 -6.33 -6.47 22.72
C GLY D 108 -7.70 -6.25 23.31
N GLU D 109 -8.47 -5.31 22.72
CA GLU D 109 -9.79 -4.92 23.25
C GLU D 109 -10.90 -4.92 22.19
N LYS D 110 -10.53 -4.89 20.90
CA LYS D 110 -11.48 -4.85 19.78
C LYS D 110 -11.32 -6.05 18.82
N VAL D 111 -12.28 -6.19 17.90
CA VAL D 111 -12.31 -7.22 16.86
C VAL D 111 -11.44 -6.73 15.72
N THR D 112 -10.52 -7.57 15.26
CA THR D 112 -9.60 -7.27 14.16
C THR D 112 -9.66 -8.40 13.14
N SER D 113 -9.26 -8.12 11.90
CA SER D 113 -9.17 -9.13 10.85
C SER D 113 -7.69 -9.52 10.72
N GLU D 114 -7.45 -10.81 10.49
CA GLU D 114 -6.11 -11.37 10.39
C GLU D 114 -6.15 -12.55 9.43
N GLY D 115 -4.99 -12.98 8.95
CA GLY D 115 -4.86 -14.13 8.07
C GLY D 115 -5.22 -15.40 8.82
N CYS D 116 -6.10 -16.22 8.23
CA CYS D 116 -6.58 -17.49 8.78
C CYS D 116 -5.45 -18.46 9.08
N SER D 117 -4.37 -18.45 8.25
CA SER D 117 -3.21 -19.32 8.40
C SER D 117 -2.27 -18.88 9.53
N SER D 118 -2.54 -17.72 10.18
CA SER D 118 -1.75 -17.20 11.30
C SER D 118 -1.99 -18.04 12.55
N ASP D 119 -1.09 -17.92 13.54
CA ASP D 119 -1.21 -18.69 14.78
C ASP D 119 -1.56 -17.77 15.95
N ASN D 120 -2.72 -18.05 16.55
CA ASN D 120 -3.27 -17.33 17.69
C ASN D 120 -3.92 -18.30 18.65
N ARG D 121 -4.15 -17.81 19.87
CA ARG D 121 -4.92 -18.48 20.91
C ARG D 121 -6.38 -18.27 20.54
N TRP D 122 -7.31 -18.92 21.25
CA TRP D 122 -8.72 -18.77 20.93
C TRP D 122 -9.57 -18.89 22.17
N ILE D 123 -10.81 -18.43 22.10
CA ILE D 123 -11.78 -18.51 23.19
C ILE D 123 -12.93 -19.40 22.72
N CYS D 124 -13.12 -20.54 23.42
CA CYS D 124 -14.25 -21.46 23.17
C CYS D 124 -15.42 -20.99 24.03
N GLN D 125 -16.65 -21.36 23.66
CA GLN D 125 -17.83 -21.01 24.46
C GLN D 125 -18.87 -22.12 24.45
N LYS D 126 -19.53 -22.31 25.61
CA LYS D 126 -20.62 -23.25 25.82
C LYS D 126 -21.84 -22.47 26.27
N GLU D 127 -22.94 -22.55 25.50
CA GLU D 127 -24.21 -21.91 25.84
C GLU D 127 -24.92 -22.71 26.94
N LEU D 128 -25.86 -22.09 27.66
CA LEU D 128 -26.65 -22.75 28.71
C LEU D 128 -28.17 -22.53 28.47
N ASN D 129 -28.94 -23.63 28.54
CA ASN D 129 -30.40 -23.62 28.38
C ASN D 129 -31.08 -24.40 29.50
C1 NAG E . 16.20 5.42 -29.23
C2 NAG E . 17.48 5.22 -30.03
C3 NAG E . 18.65 4.80 -29.14
C4 NAG E . 18.74 5.60 -27.83
C5 NAG E . 17.36 5.77 -27.18
C6 NAG E . 17.35 6.69 -25.98
C7 NAG E . 17.14 4.40 -32.33
C8 NAG E . 16.75 3.21 -33.17
N2 NAG E . 17.20 4.19 -31.01
O3 NAG E . 19.86 4.95 -29.88
O4 NAG E . 19.58 4.90 -26.92
O5 NAG E . 16.44 6.31 -28.14
O6 NAG E . 17.64 8.04 -26.35
O7 NAG E . 17.37 5.49 -32.83
C1 NAG E . 20.96 5.25 -26.84
C2 NAG E . 21.47 4.94 -25.43
C3 NAG E . 22.97 5.26 -25.37
C4 NAG E . 23.73 4.53 -26.48
C5 NAG E . 23.14 4.90 -27.84
C6 NAG E . 23.77 4.15 -28.99
C7 NAG E . 19.74 5.17 -23.68
C8 NAG E . 19.30 5.99 -22.50
N2 NAG E . 20.74 5.68 -24.41
O3 NAG E . 23.50 4.88 -24.10
O4 NAG E . 25.12 4.86 -26.43
O5 NAG E . 21.73 4.59 -27.86
O6 NAG E . 23.23 4.57 -30.24
O7 NAG E . 19.21 4.10 -23.95
C1 NAG F . 2.36 35.65 -4.85
C2 NAG F . 3.11 36.65 -3.97
C3 NAG F . 2.28 37.16 -2.80
C4 NAG F . 0.87 37.53 -3.21
C5 NAG F . 0.24 36.37 -3.98
C6 NAG F . -1.18 36.62 -4.41
C7 NAG F . 5.55 36.27 -4.01
C8 NAG F . 6.67 35.44 -3.47
N2 NAG F . 4.34 36.01 -3.51
O3 NAG F . 2.93 38.30 -2.22
O4 NAG F . 0.09 37.83 -2.07
O5 NAG F . 1.02 36.07 -5.16
O6 NAG F . -1.35 36.67 -5.85
O7 NAG F . 5.74 37.13 -4.87
C1 FUC F . -2.48 37.44 -6.25
C2 FUC F . -2.15 38.94 -6.43
C3 FUC F . -1.91 39.34 -7.89
C4 FUC F . -2.97 38.74 -8.82
C5 FUC F . -3.01 37.23 -8.63
C6 FUC F . -4.00 36.50 -9.50
O2 FUC F . -1.06 39.39 -5.62
O3 FUC F . -1.91 40.76 -8.01
O4 FUC F . -4.25 39.32 -8.59
O5 FUC F . -3.37 36.93 -7.26
C1 NAG G . -21.06 -1.38 -0.33
C2 NAG G . -21.69 -2.77 -0.24
C3 NAG G . -23.16 -2.62 0.17
C4 NAG G . -23.31 -1.77 1.44
C5 NAG G . -22.56 -0.44 1.30
C6 NAG G . -22.49 0.36 2.58
C7 NAG G . -20.94 -4.51 -1.82
C8 NAG G . -20.90 -4.93 -3.26
N2 NAG G . -21.59 -3.37 -1.56
O3 NAG G . -23.71 -3.91 0.36
O4 NAG G . -24.69 -1.50 1.69
O5 NAG G . -21.20 -0.68 0.90
O6 NAG G . -22.23 1.74 2.32
O7 NAG G . -20.41 -5.18 -0.93
C1 NAG G . -25.31 -2.16 2.77
C2 NAG G . -26.34 -1.23 3.41
C3 NAG G . -27.14 -1.98 4.48
C4 NAG G . -27.68 -3.31 3.97
C5 NAG G . -26.55 -4.15 3.36
C6 NAG G . -27.03 -5.43 2.71
C7 NAG G . -25.88 1.19 3.59
C8 NAG G . -25.26 2.25 4.46
N2 NAG G . -25.67 -0.08 4.00
O3 NAG G . -28.21 -1.16 4.93
O4 NAG G . -28.27 -4.05 5.04
O5 NAG G . -25.91 -3.37 2.32
O6 NAG G . -25.93 -6.19 2.21
O7 NAG G . -26.51 1.46 2.57
C1 NAG H . 12.97 -14.35 30.76
C2 NAG H . 13.59 -13.64 31.97
C3 NAG H . 15.11 -13.49 31.85
C4 NAG H . 15.77 -14.78 31.40
C5 NAG H . 15.12 -15.25 30.10
C6 NAG H . 15.75 -16.49 29.52
C7 NAG H . 12.03 -12.07 33.05
C8 NAG H . 11.39 -10.71 32.95
N2 NAG H . 12.96 -12.34 32.12
O3 NAG H . 15.62 -13.12 33.12
O4 NAG H . 17.16 -14.58 31.22
O5 NAG H . 13.72 -15.52 30.36
O6 NAG H . 14.85 -17.57 29.41
O7 NAG H . 11.73 -12.87 33.93
C1 NAG H . 18.12 -15.56 31.65
C2 NAG H . 19.46 -15.15 31.05
C3 NAG H . 20.68 -15.75 31.78
C4 NAG H . 20.48 -15.76 33.29
C5 NAG H . 19.18 -16.50 33.62
C6 NAG H . 18.92 -16.69 35.10
C7 NAG H . 18.96 -14.89 28.64
C8 NAG H . 18.94 -15.60 27.31
N2 NAG H . 19.43 -15.62 29.67
O3 NAG H . 21.87 -15.03 31.44
O4 NAG H . 21.58 -16.39 33.92
O5 NAG H . 18.07 -15.79 33.07
O6 NAG H . 18.39 -15.51 35.69
O7 NAG H . 18.58 -13.73 28.75
C1 FUC H . 15.04 -18.71 30.20
C2 FUC H . 14.49 -19.92 29.43
C3 FUC H . 15.18 -21.19 29.91
C4 FUC H . 15.52 -21.10 31.40
C5 FUC H . 16.50 -19.95 31.66
C6 FUC H . 16.37 -19.25 33.00
O2 FUC H . 14.66 -19.76 28.04
O3 FUC H . 14.34 -22.31 29.68
O4 FUC H . 14.33 -21.03 32.18
O5 FUC H . 16.38 -18.94 30.64
C1 NAG I . 10.59 -11.51 -14.02
C2 NAG I . 9.72 -11.72 -15.26
C3 NAG I . 10.57 -12.22 -16.43
C4 NAG I . 11.75 -11.28 -16.68
C5 NAG I . 12.56 -11.11 -15.39
C6 NAG I . 13.66 -10.09 -15.50
C7 NAG I . 7.34 -12.43 -15.29
C8 NAG I . 6.43 -13.61 -15.17
N2 NAG I . 8.63 -12.66 -14.99
O3 NAG I . 9.76 -12.31 -17.59
O4 NAG I . 12.60 -11.78 -17.72
O5 NAG I . 11.69 -10.65 -14.34
O6 NAG I . 14.40 -10.00 -14.29
O7 NAG I . 6.93 -11.33 -15.63
C1 NAG I . 12.59 -11.11 -19.00
C2 NAG I . 13.69 -11.69 -19.88
C3 NAG I . 13.66 -11.12 -21.30
C4 NAG I . 12.26 -11.15 -21.90
C5 NAG I . 11.22 -10.64 -20.91
C6 NAG I . 9.80 -10.87 -21.36
C7 NAG I . 15.60 -12.37 -18.45
C8 NAG I . 16.91 -11.92 -17.87
N2 NAG I . 14.98 -11.47 -19.24
O3 NAG I . 14.55 -11.89 -22.12
O4 NAG I . 12.22 -10.30 -23.05
O5 NAG I . 11.35 -11.35 -19.66
O6 NAG I . 8.88 -10.16 -20.55
O7 NAG I . 15.12 -13.47 -18.23
C1 BMA I . 15.17 -11.28 -23.28
C2 BMA I . 16.46 -12.06 -23.61
C3 BMA I . 17.11 -11.51 -24.88
C4 BMA I . 16.12 -11.42 -26.04
C5 BMA I . 14.86 -10.65 -25.60
C6 BMA I . 13.77 -10.60 -26.67
O2 BMA I . 16.18 -13.46 -23.74
O3 BMA I . 18.23 -12.30 -25.26
O4 BMA I . 16.74 -10.78 -27.15
O5 BMA I . 14.30 -11.28 -24.43
O6 BMA I . 12.47 -10.32 -26.16
C1 BMA I . 11.97 -9.01 -26.31
C2 BMA I . 11.64 -8.77 -27.78
C3 BMA I . 11.03 -7.39 -27.97
C4 BMA I . 9.81 -7.19 -27.06
C5 BMA I . 10.12 -7.57 -25.62
C6 BMA I . 8.89 -7.65 -24.75
O2 BMA I . 10.72 -9.76 -28.20
O3 BMA I . 10.65 -7.19 -29.32
O4 BMA I . 9.42 -5.81 -27.10
O5 BMA I . 10.75 -8.87 -25.57
O6 BMA I . 9.14 -8.28 -23.51
C1 NAG J . -25.17 -15.68 16.33
C2 NAG J . -26.59 -15.47 16.82
C3 NAG J . -26.81 -13.97 16.68
C4 NAG J . -25.87 -13.20 17.60
C5 NAG J . -24.41 -13.55 17.28
C6 NAG J . -23.46 -13.06 18.33
C7 NAG J . -28.25 -17.25 16.41
C8 NAG J . -29.04 -17.97 15.36
N2 NAG J . -27.53 -16.21 15.99
O3 NAG J . -28.17 -13.61 16.92
O4 NAG J . -26.06 -11.78 17.46
O5 NAG J . -24.24 -14.98 17.19
O6 NAG J . -22.14 -13.55 18.15
O7 NAG J . -28.27 -17.61 17.59
C1 NAG J . -26.65 -11.01 18.54
C2 NAG J . -26.19 -9.55 18.57
C3 NAG J . -26.90 -8.75 19.66
C4 NAG J . -28.41 -9.00 19.64
C5 NAG J . -28.68 -10.50 19.77
C6 NAG J . -30.15 -10.86 19.72
C7 NAG J . -23.93 -9.29 17.60
C8 NAG J . -22.53 -8.83 17.89
N2 NAG J . -24.75 -9.39 18.67
O3 NAG J . -26.63 -7.37 19.47
O5 NAG J . -28.06 -11.20 18.68
O6 NAG J . -30.34 -12.26 19.88
O7 NAG J . -24.30 -9.55 16.46
I IOD K . -1.03 4.85 -15.79
I IOD L . -6.84 -15.12 4.68
#